data_3VRO
#
_entry.id   3VRO
#
_cell.length_a   93.282
_cell.length_b   108.493
_cell.length_c   54.761
_cell.angle_alpha   90.000
_cell.angle_beta   90.000
_cell.angle_gamma   90.000
#
_symmetry.space_group_name_H-M   'C 2 2 21'
#
loop_
_entity.id
_entity.type
_entity.pdbx_description
1 polymer 'Signal transduction protein CBL-C'
2 polymer 'Proto-oncogene tyrosine-protein kinase Src'
3 non-polymer 'CALCIUM ION'
4 water water
#
loop_
_entity_poly.entity_id
_entity_poly.type
_entity_poly.pdbx_seq_one_letter_code
_entity_poly.pdbx_strand_id
1 'polypeptide(L)'
;GPLGSPEFMALAVAPWGRQWEEARALGRAVRMLQRLEEQCVDPRLSVSPPSLRDLLPRTAQLLREVAHSRRAAGGGGPGG
PGGSGDFLLIYLANLEAKSRQVAALLPPRGRRSANDELFRAGSRLRRQLAKLAIIFSHMHAELHALFPGGKYCGHMYQLT
KAPAHTFWRESCGARCVLPWAEFESLLGTCHPVEPGCTALALRTTIDLTCSGHVSIFEFDVFTRLFQPWPTLLKNWQLLA
VNHPGYMAFLTYDEVQERLQACRDKPGSYIFRPSCTRLGQWAIGYVSSDGSILQTIPANKPLSQVLLEGQKDGFYLYPDG
KTHNPDLTELG
;
A
2 'polypeptide(L)' RLIEDNE(PTR)TARQG B
#
loop_
_chem_comp.id
_chem_comp.type
_chem_comp.name
_chem_comp.formula
CA non-polymer 'CALCIUM ION' 'Ca 2'
#
# COMPACT_ATOMS: atom_id res chain seq x y z
N GLU A 21 -7.41 -25.63 13.05
CA GLU A 21 -7.95 -24.25 12.89
C GLU A 21 -7.46 -23.59 11.59
N GLU A 22 -6.16 -23.70 11.32
CA GLU A 22 -5.53 -23.03 10.17
C GLU A 22 -5.94 -23.58 8.78
N ALA A 23 -5.94 -24.91 8.63
CA ALA A 23 -6.44 -25.54 7.42
C ALA A 23 -7.95 -25.25 7.15
N ARG A 24 -8.78 -25.21 8.18
CA ARG A 24 -10.18 -24.78 8.05
C ARG A 24 -10.29 -23.34 7.55
N ALA A 25 -9.47 -22.46 8.13
CA ALA A 25 -9.42 -21.07 7.76
C ALA A 25 -9.07 -20.91 6.30
N LEU A 26 -8.05 -21.63 5.83
CA LEU A 26 -7.58 -21.52 4.46
C LEU A 26 -8.67 -21.98 3.50
N GLY A 27 -9.33 -23.10 3.87
CA GLY A 27 -10.44 -23.61 3.06
C GLY A 27 -11.56 -22.63 2.95
N ARG A 28 -11.97 -22.02 4.08
CA ARG A 28 -12.98 -20.96 4.08
C ARG A 28 -12.63 -19.77 3.20
N ALA A 29 -11.41 -19.24 3.34
CA ALA A 29 -10.96 -18.13 2.46
C ALA A 29 -10.98 -18.49 0.96
N VAL A 30 -10.55 -19.68 0.61
CA VAL A 30 -10.50 -20.07 -0.80
C VAL A 30 -11.97 -20.12 -1.32
N ARG A 31 -12.88 -20.73 -0.55
CA ARG A 31 -14.27 -20.72 -0.95
C ARG A 31 -14.94 -19.37 -1.07
N MET A 32 -14.63 -18.45 -0.14
N MET A 32 -14.67 -18.40 -0.17
CA MET A 32 -15.13 -17.11 -0.27
CA MET A 32 -15.28 -17.09 -0.43
C MET A 32 -14.67 -16.42 -1.53
C MET A 32 -14.69 -16.37 -1.62
N LEU A 33 -13.40 -16.61 -1.86
CA LEU A 33 -12.79 -16.00 -3.07
C LEU A 33 -13.39 -16.67 -4.32
N GLN A 34 -13.70 -17.97 -4.25
CA GLN A 34 -14.41 -18.61 -5.43
C GLN A 34 -15.81 -18.01 -5.63
N ARG A 35 -16.56 -17.82 -4.54
CA ARG A 35 -17.85 -17.14 -4.62
C ARG A 35 -17.77 -15.77 -5.23
N LEU A 36 -16.82 -14.95 -4.75
CA LEU A 36 -16.65 -13.62 -5.32
C LEU A 36 -16.32 -13.64 -6.77
N GLU A 37 -15.43 -14.54 -7.15
CA GLU A 37 -15.00 -14.63 -8.52
C GLU A 37 -16.20 -14.94 -9.38
N GLU A 38 -17.06 -15.82 -8.87
CA GLU A 38 -18.24 -16.18 -9.65
C GLU A 38 -19.24 -15.04 -9.69
N GLN A 39 -19.30 -14.26 -8.62
CA GLN A 39 -20.20 -13.09 -8.59
C GLN A 39 -19.65 -11.91 -9.35
N CYS A 40 -18.37 -11.92 -9.67
CA CYS A 40 -17.75 -10.81 -10.39
C CYS A 40 -17.78 -11.05 -11.90
N VAL A 41 -18.75 -11.84 -12.35
CA VAL A 41 -19.01 -12.02 -13.79
C VAL A 41 -20.29 -11.25 -14.19
N VAL A 47 -11.10 -4.28 -14.68
CA VAL A 47 -10.63 -3.44 -15.78
C VAL A 47 -9.07 -3.36 -15.76
N SER A 48 -8.50 -2.15 -15.65
CA SER A 48 -7.04 -1.98 -15.62
C SER A 48 -6.60 -2.17 -14.17
N PRO A 49 -5.27 -2.30 -13.92
CA PRO A 49 -4.91 -2.60 -12.52
C PRO A 49 -5.26 -1.46 -11.52
N PRO A 50 -5.68 -1.81 -10.30
CA PRO A 50 -5.94 -3.13 -9.77
C PRO A 50 -7.35 -3.59 -10.12
N SER A 51 -7.48 -4.85 -10.50
CA SER A 51 -8.75 -5.42 -10.94
C SER A 51 -9.11 -6.64 -10.09
N LEU A 52 -10.26 -6.60 -9.40
CA LEU A 52 -10.71 -7.78 -8.61
C LEU A 52 -10.83 -9.06 -9.40
N ARG A 53 -11.31 -8.92 -10.64
CA ARG A 53 -11.49 -10.05 -11.52
C ARG A 53 -10.15 -10.79 -11.73
N ASP A 54 -9.05 -10.05 -11.80
CA ASP A 54 -7.72 -10.66 -11.86
C ASP A 54 -7.23 -11.16 -10.47
N LEU A 55 -7.45 -10.34 -9.45
CA LEU A 55 -6.84 -10.58 -8.15
C LEU A 55 -7.48 -11.70 -7.35
N LEU A 56 -8.78 -11.90 -7.54
CA LEU A 56 -9.46 -12.96 -6.79
C LEU A 56 -8.92 -14.34 -7.08
N PRO A 57 -8.89 -14.76 -8.35
CA PRO A 57 -8.34 -16.11 -8.59
C PRO A 57 -6.83 -16.22 -8.29
N ARG A 58 -6.09 -15.11 -8.42
CA ARG A 58 -4.67 -15.15 -8.16
C ARG A 58 -4.46 -15.38 -6.66
N THR A 59 -5.24 -14.69 -5.82
CA THR A 59 -5.12 -14.87 -4.38
C THR A 59 -5.53 -16.30 -3.95
N ALA A 60 -6.61 -16.79 -4.54
CA ALA A 60 -7.08 -18.13 -4.18
C ALA A 60 -6.01 -19.15 -4.56
N GLN A 61 -5.39 -19.01 -5.75
CA GLN A 61 -4.32 -19.97 -6.10
C GLN A 61 -3.16 -19.94 -5.08
N LEU A 62 -2.72 -18.75 -4.72
CA LEU A 62 -1.71 -18.62 -3.66
C LEU A 62 -2.10 -19.25 -2.34
N LEU A 63 -3.35 -19.07 -1.91
CA LEU A 63 -3.83 -19.70 -0.67
C LEU A 63 -3.77 -21.23 -0.72
N ARG A 64 -4.09 -21.76 -1.89
CA ARG A 64 -4.00 -23.22 -2.07
C ARG A 64 -2.57 -23.67 -1.87
N GLU A 65 -1.63 -22.95 -2.49
CA GLU A 65 -0.16 -23.19 -2.32
C GLU A 65 0.28 -23.12 -0.87
N VAL A 66 -0.20 -22.09 -0.14
CA VAL A 66 0.02 -22.09 1.29
C VAL A 66 -0.46 -23.34 1.99
N ALA A 67 -1.67 -23.77 1.64
CA ALA A 67 -2.31 -24.84 2.39
C ALA A 67 -1.52 -26.12 2.25
N HIS A 68 -1.05 -26.40 1.03
CA HIS A 68 -0.26 -27.57 0.77
C HIS A 68 1.02 -27.50 1.57
N SER A 69 1.64 -26.31 1.59
CA SER A 69 2.92 -26.20 2.26
C SER A 69 2.76 -26.30 3.77
N ARG A 70 1.63 -25.90 4.34
CA ARG A 70 1.45 -25.95 5.80
C ARG A 70 1.28 -27.40 6.29
N ARG A 71 0.81 -28.29 5.42
CA ARG A 71 0.59 -29.70 5.83
C ARG A 71 1.84 -30.60 5.80
N ALA A 72 2.95 -30.06 5.29
CA ALA A 72 4.28 -30.62 5.57
C ALA A 72 5.00 -29.81 6.65
N GLY A 76 7.89 -23.16 7.74
CA GLY A 76 7.17 -22.73 8.99
C GLY A 76 7.79 -21.53 9.73
N GLY A 77 9.12 -21.56 9.86
CA GLY A 77 9.87 -20.48 10.48
C GLY A 77 9.70 -20.40 12.01
N PRO A 78 10.42 -19.44 12.62
CA PRO A 78 10.45 -19.24 14.07
C PRO A 78 9.05 -19.06 14.67
N GLY A 79 8.81 -19.80 15.76
CA GLY A 79 7.50 -19.87 16.34
C GLY A 79 7.12 -18.66 17.16
N GLY A 80 5.87 -18.66 17.58
CA GLY A 80 5.46 -17.62 18.50
C GLY A 80 4.71 -16.47 17.85
N PRO A 81 4.47 -15.41 18.63
CA PRO A 81 3.69 -14.24 18.17
C PRO A 81 4.43 -13.67 16.98
N GLY A 82 3.69 -13.24 15.97
CA GLY A 82 4.30 -12.53 14.85
C GLY A 82 4.90 -13.43 13.84
N GLY A 83 4.78 -14.76 14.03
CA GLY A 83 5.31 -15.72 13.08
C GLY A 83 4.32 -16.08 11.96
N SER A 84 4.61 -17.13 11.20
CA SER A 84 3.78 -17.53 10.06
C SER A 84 2.33 -17.83 10.42
N GLY A 85 2.13 -18.55 11.53
CA GLY A 85 0.79 -19.01 11.89
C GLY A 85 -0.03 -17.80 12.33
N ASP A 86 0.58 -16.96 13.16
CA ASP A 86 -0.07 -15.72 13.65
C ASP A 86 -0.43 -14.84 12.43
N PHE A 87 0.54 -14.68 11.51
CA PHE A 87 0.28 -13.85 10.32
C PHE A 87 -0.96 -14.37 9.60
N LEU A 88 -1.02 -15.70 9.39
CA LEU A 88 -2.15 -16.24 8.59
C LEU A 88 -3.50 -16.11 9.28
N LEU A 89 -3.54 -16.38 10.61
CA LEU A 89 -4.79 -16.17 11.42
C LEU A 89 -5.38 -14.76 11.20
N ILE A 90 -4.54 -13.75 11.35
CA ILE A 90 -4.89 -12.36 11.12
C ILE A 90 -5.28 -12.11 9.64
N TYR A 91 -4.43 -12.56 8.74
CA TYR A 91 -4.57 -12.23 7.31
C TYR A 91 -5.89 -12.82 6.81
N LEU A 92 -6.19 -14.04 7.22
CA LEU A 92 -7.36 -14.75 6.68
C LEU A 92 -8.62 -14.19 7.27
N ALA A 93 -8.56 -13.75 8.53
CA ALA A 93 -9.77 -13.12 9.11
C ALA A 93 -10.06 -11.75 8.42
N ASN A 94 -8.99 -11.03 8.10
CA ASN A 94 -9.16 -9.76 7.39
C ASN A 94 -9.61 -10.03 5.96
N LEU A 95 -9.01 -11.04 5.31
CA LEU A 95 -9.41 -11.33 3.90
C LEU A 95 -10.95 -11.68 3.86
N GLU A 96 -11.41 -12.46 4.84
CA GLU A 96 -12.89 -12.70 5.00
C GLU A 96 -13.72 -11.46 5.16
N ALA A 97 -13.32 -10.53 6.01
CA ALA A 97 -14.09 -9.32 6.22
C ALA A 97 -14.12 -8.51 4.94
N LYS A 98 -12.98 -8.50 4.22
CA LYS A 98 -12.92 -7.66 3.04
C LYS A 98 -13.78 -8.32 1.93
N SER A 99 -13.75 -9.66 1.91
CA SER A 99 -14.48 -10.41 0.86
C SER A 99 -16.00 -10.23 1.13
N ARG A 100 -16.40 -10.21 2.40
CA ARG A 100 -17.81 -9.87 2.73
C ARG A 100 -18.24 -8.48 2.27
N GLN A 101 -17.38 -7.48 2.41
CA GLN A 101 -17.62 -6.15 1.91
C GLN A 101 -17.84 -6.17 0.40
N VAL A 102 -16.98 -6.88 -0.34
CA VAL A 102 -17.15 -6.89 -1.78
C VAL A 102 -18.53 -7.53 -2.10
N ALA A 103 -18.80 -8.70 -1.48
CA ALA A 103 -20.07 -9.42 -1.73
C ALA A 103 -21.27 -8.58 -1.49
N ALA A 104 -21.24 -7.78 -0.44
CA ALA A 104 -22.36 -6.94 -0.06
C ALA A 104 -22.66 -5.85 -1.08
N LEU A 105 -21.64 -5.50 -1.91
CA LEU A 105 -21.76 -4.48 -2.94
C LEU A 105 -22.20 -4.91 -4.34
N LEU A 106 -22.00 -6.16 -4.72
CA LEU A 106 -22.39 -6.65 -6.04
C LEU A 106 -23.89 -6.85 -6.17
N SER A 123 -21.14 4.88 -9.14
CA SER A 123 -20.43 6.14 -8.72
C SER A 123 -19.94 6.03 -7.28
N ARG A 124 -20.85 5.90 -6.31
CA ARG A 124 -20.46 5.36 -5.00
C ARG A 124 -19.92 3.92 -5.11
N LEU A 125 -20.65 3.07 -5.81
CA LEU A 125 -20.25 1.68 -6.00
C LEU A 125 -18.89 1.62 -6.67
N ARG A 126 -18.69 2.45 -7.71
CA ARG A 126 -17.41 2.46 -8.45
C ARG A 126 -16.23 2.77 -7.49
N ARG A 127 -16.45 3.72 -6.60
CA ARG A 127 -15.39 4.10 -5.64
C ARG A 127 -15.18 2.98 -4.61
N GLN A 128 -16.26 2.45 -4.10
CA GLN A 128 -16.12 1.41 -3.03
C GLN A 128 -15.39 0.21 -3.63
N LEU A 129 -15.71 -0.11 -4.90
CA LEU A 129 -15.06 -1.25 -5.50
C LEU A 129 -13.58 -0.99 -5.88
N ALA A 130 -13.26 0.24 -6.25
CA ALA A 130 -11.85 0.62 -6.53
C ALA A 130 -11.04 0.57 -5.22
N LYS A 131 -11.60 1.09 -4.12
CA LYS A 131 -10.86 1.01 -2.86
C LYS A 131 -10.64 -0.45 -2.45
N LEU A 132 -11.68 -1.29 -2.60
CA LEU A 132 -11.48 -2.71 -2.26
C LEU A 132 -10.50 -3.41 -3.23
N ALA A 133 -10.49 -3.04 -4.50
CA ALA A 133 -9.53 -3.60 -5.46
C ALA A 133 -8.11 -3.27 -5.01
N ILE A 134 -7.89 -2.03 -4.51
CA ILE A 134 -6.55 -1.64 -4.04
C ILE A 134 -6.21 -2.47 -2.82
N ILE A 135 -7.18 -2.59 -1.91
CA ILE A 135 -6.94 -3.44 -0.74
C ILE A 135 -6.61 -4.90 -1.13
N PHE A 136 -7.38 -5.50 -2.06
CA PHE A 136 -7.04 -6.86 -2.47
C PHE A 136 -5.68 -6.96 -3.20
N SER A 137 -5.36 -5.92 -3.96
CA SER A 137 -4.05 -5.83 -4.61
C SER A 137 -2.99 -5.90 -3.54
N HIS A 138 -3.18 -5.15 -2.45
CA HIS A 138 -2.20 -5.13 -1.35
C HIS A 138 -2.18 -6.46 -0.61
N MET A 139 -3.34 -7.06 -0.32
CA MET A 139 -3.37 -8.39 0.32
C MET A 139 -2.66 -9.41 -0.55
N HIS A 140 -2.89 -9.34 -1.86
CA HIS A 140 -2.24 -10.31 -2.72
C HIS A 140 -0.71 -10.06 -2.68
N ALA A 141 -0.29 -8.83 -2.79
CA ALA A 141 1.17 -8.58 -2.81
C ALA A 141 1.83 -9.00 -1.52
N GLU A 142 1.19 -8.70 -0.41
CA GLU A 142 1.76 -9.06 0.91
C GLU A 142 1.88 -10.58 1.05
N LEU A 143 0.87 -11.32 0.62
CA LEU A 143 0.96 -12.78 0.75
C LEU A 143 2.02 -13.33 -0.23
N HIS A 144 2.11 -12.77 -1.43
CA HIS A 144 3.17 -13.14 -2.41
C HIS A 144 4.60 -12.82 -1.86
N ALA A 145 4.73 -11.67 -1.20
CA ALA A 145 6.01 -11.28 -0.57
C ALA A 145 6.45 -12.24 0.56
N LEU A 146 5.52 -12.69 1.40
CA LEU A 146 5.82 -13.42 2.62
C LEU A 146 5.68 -14.98 2.47
N PHE A 147 4.90 -15.42 1.48
CA PHE A 147 4.65 -16.87 1.25
C PHE A 147 4.74 -17.13 -0.27
N PRO A 148 5.84 -16.70 -0.93
CA PRO A 148 5.87 -16.98 -2.37
C PRO A 148 5.84 -18.50 -2.64
N GLY A 149 5.02 -18.91 -3.57
CA GLY A 149 5.01 -20.35 -3.84
C GLY A 149 4.35 -21.11 -2.73
N GLY A 150 3.66 -20.40 -1.82
CA GLY A 150 3.12 -20.97 -0.60
C GLY A 150 4.09 -21.15 0.60
N LYS A 151 5.38 -20.82 0.42
CA LYS A 151 6.41 -21.17 1.39
C LYS A 151 6.86 -19.92 2.15
N TYR A 152 6.62 -19.96 3.46
CA TYR A 152 6.89 -18.79 4.34
C TYR A 152 8.33 -18.33 4.28
N CYS A 153 8.50 -17.01 4.11
CA CYS A 153 9.85 -16.45 4.19
C CYS A 153 9.88 -15.19 5.06
N GLY A 154 8.87 -14.99 5.90
CA GLY A 154 8.81 -13.72 6.69
C GLY A 154 9.98 -13.55 7.63
N HIS A 155 10.56 -14.66 8.10
CA HIS A 155 11.73 -14.61 8.99
C HIS A 155 13.05 -14.28 8.25
N MET A 156 13.02 -14.37 6.94
CA MET A 156 14.22 -14.03 6.11
C MET A 156 14.06 -12.71 5.31
N TYR A 157 12.83 -12.22 5.20
CA TYR A 157 12.52 -11.12 4.31
C TYR A 157 13.42 -9.90 4.65
N GLN A 158 13.86 -9.16 3.61
CA GLN A 158 14.78 -8.03 3.77
C GLN A 158 14.10 -6.83 3.21
N LEU A 159 14.14 -5.75 3.97
CA LEU A 159 13.56 -4.48 3.54
C LEU A 159 14.49 -3.86 2.48
N THR A 160 13.91 -3.03 1.64
CA THR A 160 14.59 -2.26 0.57
C THR A 160 15.55 -1.27 1.10
N LYS A 161 15.16 -0.51 2.15
CA LYS A 161 16.09 0.47 2.74
C LYS A 161 16.81 -0.09 3.93
N ALA A 162 18.14 -0.03 3.89
CA ALA A 162 18.98 -0.64 4.94
C ALA A 162 18.72 -0.13 6.37
N PRO A 163 18.57 1.18 6.58
CA PRO A 163 18.32 1.59 8.00
C PRO A 163 16.95 1.01 8.53
N ALA A 164 15.99 0.87 7.62
CA ALA A 164 14.66 0.40 8.05
C ALA A 164 14.75 -1.08 8.29
N HIS A 165 15.50 -1.78 7.42
CA HIS A 165 15.75 -3.19 7.67
C HIS A 165 16.33 -3.45 9.07
N THR A 166 17.37 -2.68 9.39
CA THR A 166 18.00 -2.83 10.70
C THR A 166 17.02 -2.56 11.82
N PHE A 167 16.22 -1.51 11.64
CA PHE A 167 15.25 -1.18 12.69
C PHE A 167 14.28 -2.36 12.92
N TRP A 168 13.80 -2.98 11.82
CA TRP A 168 12.80 -3.98 12.03
C TRP A 168 13.43 -5.21 12.71
N ARG A 169 14.59 -5.64 12.22
CA ARG A 169 15.11 -6.87 12.80
C ARG A 169 15.61 -6.63 14.23
N GLU A 170 16.15 -5.45 14.50
CA GLU A 170 16.54 -5.21 15.90
C GLU A 170 15.38 -5.07 16.83
N SER A 171 14.27 -4.49 16.37
CA SER A 171 13.13 -4.21 17.22
C SER A 171 12.17 -5.42 17.28
N CYS A 172 11.93 -6.04 16.13
CA CYS A 172 10.90 -7.07 16.03
C CYS A 172 11.49 -8.47 15.97
N GLY A 173 12.78 -8.58 15.72
CA GLY A 173 13.39 -9.91 15.58
C GLY A 173 12.82 -10.63 14.33
N ALA A 174 12.63 -11.94 14.45
CA ALA A 174 12.24 -12.79 13.31
C ALA A 174 10.80 -12.57 12.90
N ARG A 175 10.03 -11.86 13.71
CA ARG A 175 8.59 -11.66 13.43
C ARG A 175 8.35 -10.97 12.06
N CYS A 176 7.25 -11.32 11.42
CA CYS A 176 6.87 -10.70 10.14
C CYS A 176 5.63 -9.80 10.30
N VAL A 177 5.07 -9.67 11.50
CA VAL A 177 3.82 -8.92 11.67
C VAL A 177 3.60 -8.55 13.13
N LEU A 178 3.08 -7.35 13.37
CA LEU A 178 2.80 -6.83 14.73
C LEU A 178 1.45 -6.18 14.72
N PRO A 179 0.67 -6.26 15.82
CA PRO A 179 -0.51 -5.38 15.90
C PRO A 179 -0.10 -3.90 15.91
N TRP A 180 -0.98 -3.04 15.39
CA TRP A 180 -0.68 -1.62 15.27
C TRP A 180 -0.15 -1.06 16.59
N ALA A 181 -0.85 -1.32 17.68
CA ALA A 181 -0.49 -0.70 18.93
C ALA A 181 0.95 -1.02 19.37
N GLU A 182 1.33 -2.29 19.23
CA GLU A 182 2.71 -2.67 19.52
C GLU A 182 3.70 -2.06 18.53
N PHE A 183 3.36 -2.08 17.24
CA PHE A 183 4.22 -1.38 16.25
C PHE A 183 4.45 0.11 16.57
N GLU A 184 3.39 0.81 16.94
CA GLU A 184 3.45 2.27 17.18
C GLU A 184 4.42 2.50 18.30
N SER A 185 4.34 1.65 19.32
CA SER A 185 5.25 1.80 20.49
C SER A 185 6.72 1.45 20.10
N LEU A 186 6.90 0.38 19.31
CA LEU A 186 8.26 0.06 18.81
C LEU A 186 8.86 1.11 17.87
N LEU A 187 8.10 1.61 16.93
CA LEU A 187 8.57 2.62 16.02
C LEU A 187 8.98 3.88 16.85
N GLY A 188 8.18 4.15 17.91
CA GLY A 188 8.39 5.25 18.86
C GLY A 188 9.72 5.26 19.58
N THR A 189 10.45 4.14 19.68
CA THR A 189 11.85 4.19 20.12
C THR A 189 12.76 5.12 19.30
N CYS A 190 12.40 5.35 18.02
CA CYS A 190 13.23 6.01 17.00
C CYS A 190 12.47 7.21 16.46
N HIS A 191 11.21 6.97 16.08
CA HIS A 191 10.39 7.95 15.37
C HIS A 191 8.99 7.98 16.04
N PRO A 192 8.87 8.72 17.15
CA PRO A 192 7.55 8.82 17.84
C PRO A 192 6.59 9.69 17.11
N VAL A 193 5.31 9.30 17.18
CA VAL A 193 4.25 10.04 16.51
C VAL A 193 3.35 10.56 17.64
N GLU A 194 2.77 11.73 17.42
CA GLU A 194 1.82 12.27 18.36
C GLU A 194 0.52 11.43 18.39
N PRO A 195 0.12 10.96 19.57
CA PRO A 195 -1.16 10.20 19.69
C PRO A 195 -2.32 11.01 19.19
N GLY A 196 -3.31 10.32 18.67
CA GLY A 196 -4.48 11.01 18.20
C GLY A 196 -4.50 11.04 16.70
N CYS A 197 -5.09 12.10 16.18
CA CYS A 197 -5.32 12.23 14.73
C CYS A 197 -4.05 11.96 13.93
N THR A 198 -2.90 12.43 14.45
CA THR A 198 -1.66 12.22 13.68
C THR A 198 -1.27 10.73 13.62
N ALA A 199 -1.32 10.06 14.79
CA ALA A 199 -0.93 8.67 14.86
C ALA A 199 -1.95 7.82 14.00
N LEU A 200 -3.18 8.26 13.98
CA LEU A 200 -4.22 7.52 13.27
C LEU A 200 -4.06 7.73 11.78
N ALA A 201 -3.66 8.94 11.37
CA ALA A 201 -3.35 9.16 9.96
C ALA A 201 -2.12 8.29 9.53
N LEU A 202 -1.14 8.19 10.42
CA LEU A 202 0.02 7.33 10.15
C LEU A 202 -0.44 5.88 9.96
N ARG A 203 -1.28 5.42 10.86
CA ARG A 203 -1.81 4.05 10.78
C ARG A 203 -2.46 3.78 9.44
N THR A 204 -3.30 4.72 9.04
CA THR A 204 -4.02 4.60 7.75
C THR A 204 -3.01 4.56 6.57
N THR A 205 -1.94 5.33 6.64
CA THR A 205 -0.90 5.30 5.59
C THR A 205 -0.17 3.94 5.54
N ILE A 206 0.25 3.42 6.69
CA ILE A 206 1.08 2.21 6.77
C ILE A 206 0.25 0.97 6.47
N ASP A 207 -0.98 0.96 6.93
CA ASP A 207 -1.74 -0.33 6.91
C ASP A 207 -2.40 -0.51 5.53
N LEU A 208 -1.63 -1.06 4.61
CA LEU A 208 -2.04 -1.27 3.21
C LEU A 208 -3.22 -2.23 3.08
N THR A 209 -3.25 -3.22 3.95
CA THR A 209 -4.32 -4.25 3.89
C THR A 209 -5.53 -3.89 4.76
N CYS A 210 -5.42 -2.77 5.50
CA CYS A 210 -6.49 -2.27 6.40
C CYS A 210 -6.84 -3.36 7.37
N SER A 211 -5.80 -4.09 7.82
CA SER A 211 -5.96 -5.24 8.73
C SER A 211 -5.81 -4.88 10.21
N GLY A 212 -5.34 -3.68 10.51
CA GLY A 212 -4.98 -3.35 11.90
C GLY A 212 -3.64 -3.83 12.38
N HIS A 213 -2.90 -4.53 11.51
CA HIS A 213 -1.60 -5.07 11.90
C HIS A 213 -0.62 -4.61 10.83
N VAL A 214 0.64 -4.48 11.18
CA VAL A 214 1.66 -4.00 10.26
C VAL A 214 2.57 -5.19 9.95
N SER A 215 2.63 -5.65 8.69
CA SER A 215 3.63 -6.67 8.34
C SER A 215 4.94 -6.05 7.95
N ILE A 216 5.94 -6.90 7.90
CA ILE A 216 7.26 -6.38 7.49
C ILE A 216 7.24 -5.87 6.07
N PHE A 217 6.35 -6.46 5.24
CA PHE A 217 6.15 -5.97 3.91
C PHE A 217 5.54 -4.54 3.88
N GLU A 218 4.50 -4.29 4.67
CA GLU A 218 3.95 -2.94 4.73
C GLU A 218 5.00 -2.00 5.22
N PHE A 219 5.80 -2.42 6.21
CA PHE A 219 6.80 -1.45 6.72
C PHE A 219 7.84 -1.20 5.62
N ASP A 220 8.11 -2.19 4.81
CA ASP A 220 9.05 -2.03 3.65
C ASP A 220 8.50 -0.97 2.69
N VAL A 221 7.23 -1.10 2.31
CA VAL A 221 6.63 -0.15 1.41
C VAL A 221 6.65 1.28 2.01
N PHE A 222 6.29 1.39 3.31
CA PHE A 222 6.17 2.73 3.94
C PHE A 222 7.55 3.44 3.96
N THR A 223 8.57 2.69 4.34
CA THR A 223 9.91 3.30 4.48
C THR A 223 10.58 3.62 3.10
N ARG A 224 10.20 2.90 2.04
CA ARG A 224 10.58 3.29 0.68
C ARG A 224 9.89 4.56 0.28
N LEU A 225 8.57 4.63 0.51
CA LEU A 225 7.83 5.79 0.05
C LEU A 225 8.28 7.06 0.79
N PHE A 226 8.57 6.90 2.08
CA PHE A 226 8.88 8.09 2.92
C PHE A 226 10.32 8.24 3.35
N GLN A 227 11.23 7.65 2.57
CA GLN A 227 12.66 7.80 2.83
C GLN A 227 13.02 9.29 2.68
N PRO A 228 14.12 9.73 3.29
CA PRO A 228 15.08 8.89 4.02
C PRO A 228 14.78 8.65 5.48
N TRP A 229 15.26 7.51 5.97
CA TRP A 229 15.01 7.10 7.35
C TRP A 229 15.20 8.17 8.52
N PRO A 230 16.33 8.92 8.58
CA PRO A 230 16.57 9.79 9.74
C PRO A 230 15.44 10.79 9.96
N THR A 231 14.72 11.12 8.93
CA THR A 231 13.62 12.09 9.02
C THR A 231 12.24 11.49 8.68
N LEU A 232 12.15 10.16 8.79
CA LEU A 232 10.99 9.42 8.26
C LEU A 232 9.66 10.13 8.53
N LEU A 233 9.35 10.46 9.80
CA LEU A 233 7.99 10.98 10.10
C LEU A 233 7.81 12.42 9.76
N LYS A 234 8.92 13.16 9.71
CA LYS A 234 8.84 14.50 9.21
C LYS A 234 8.56 14.47 7.70
N ASN A 235 9.17 13.53 6.95
CA ASN A 235 8.90 13.40 5.52
C ASN A 235 7.44 13.07 5.30
N TRP A 236 6.97 12.13 6.11
CA TRP A 236 5.56 11.67 5.97
C TRP A 236 4.61 12.84 6.30
N GLN A 237 4.92 13.58 7.33
CA GLN A 237 3.95 14.65 7.72
C GLN A 237 3.91 15.73 6.66
N LEU A 238 5.08 16.06 6.13
CA LEU A 238 5.12 17.10 5.13
C LEU A 238 4.49 16.70 3.81
N LEU A 239 4.65 15.43 3.41
CA LEU A 239 4.11 14.94 2.14
C LEU A 239 2.69 14.39 2.21
N ALA A 240 2.31 13.72 3.27
CA ALA A 240 1.06 12.98 3.30
C ALA A 240 0.01 13.62 4.26
N VAL A 241 0.48 14.48 5.14
CA VAL A 241 -0.50 15.16 5.97
C VAL A 241 -0.71 16.62 5.48
N ASN A 242 0.38 17.32 5.18
CA ASN A 242 0.33 18.75 4.96
C ASN A 242 0.38 19.15 3.49
N HIS A 243 0.55 18.22 2.55
CA HIS A 243 0.74 18.61 1.18
C HIS A 243 -0.56 18.41 0.38
N PRO A 244 -1.05 19.46 -0.29
CA PRO A 244 -2.27 19.37 -1.06
C PRO A 244 -2.20 18.39 -2.23
N GLY A 245 -0.99 18.00 -2.65
CA GLY A 245 -0.87 17.14 -3.83
C GLY A 245 -1.02 15.65 -3.55
N TYR A 246 -0.96 15.27 -2.27
CA TYR A 246 -0.95 13.87 -1.84
C TYR A 246 -2.35 13.26 -1.91
N MET A 247 -2.55 12.11 -2.59
CA MET A 247 -3.86 11.42 -2.58
C MET A 247 -3.58 10.00 -2.08
N ALA A 248 -4.43 9.50 -1.22
CA ALA A 248 -4.21 8.15 -0.69
C ALA A 248 -5.20 7.19 -1.36
N PHE A 249 -4.85 5.92 -1.57
CA PHE A 249 -5.83 4.90 -2.01
C PHE A 249 -6.59 5.30 -3.26
N LEU A 250 -5.87 5.82 -4.24
CA LEU A 250 -6.48 6.08 -5.59
C LEU A 250 -5.81 5.22 -6.61
N THR A 251 -6.58 4.72 -7.59
CA THR A 251 -6.03 3.98 -8.72
C THR A 251 -5.58 4.91 -9.83
N TYR A 252 -4.84 4.35 -10.77
CA TYR A 252 -4.38 5.08 -11.95
C TYR A 252 -5.57 5.77 -12.68
N ASP A 253 -6.67 5.05 -12.84
CA ASP A 253 -7.79 5.64 -13.57
C ASP A 253 -8.48 6.73 -12.74
N GLU A 254 -8.45 6.59 -11.41
CA GLU A 254 -9.06 7.65 -10.56
C GLU A 254 -8.25 8.93 -10.58
N VAL A 255 -6.93 8.85 -10.66
N VAL A 255 -6.94 8.80 -10.68
CA VAL A 255 -6.15 10.10 -10.80
CA VAL A 255 -6.05 9.97 -10.86
C VAL A 255 -6.29 10.70 -12.22
C VAL A 255 -6.29 10.66 -12.19
N GLN A 256 -6.41 9.85 -13.24
CA GLN A 256 -6.61 10.33 -14.60
C GLN A 256 -7.89 11.18 -14.58
N GLU A 257 -8.95 10.62 -13.96
CA GLU A 257 -10.25 11.31 -13.87
C GLU A 257 -10.19 12.57 -13.05
N ARG A 258 -9.53 12.51 -11.88
CA ARG A 258 -9.52 13.62 -10.94
C ARG A 258 -8.81 14.81 -11.57
N LEU A 259 -7.68 14.57 -12.24
CA LEU A 259 -6.90 15.65 -12.79
C LEU A 259 -7.56 16.26 -14.03
N GLN A 260 -8.55 15.61 -14.61
CA GLN A 260 -9.29 16.30 -15.70
C GLN A 260 -9.88 17.61 -15.26
N ALA A 261 -10.21 17.74 -13.95
CA ALA A 261 -10.74 18.99 -13.39
C ALA A 261 -9.75 20.17 -13.58
N CYS A 262 -8.46 19.87 -13.77
CA CYS A 262 -7.37 20.87 -13.87
C CYS A 262 -6.72 20.80 -15.28
N ARG A 263 -7.34 20.16 -16.27
CA ARG A 263 -6.66 20.01 -17.56
C ARG A 263 -6.37 21.35 -18.28
N ASP A 264 -7.08 22.40 -17.90
CA ASP A 264 -6.78 23.74 -18.48
C ASP A 264 -5.75 24.46 -17.56
N LYS A 265 -5.12 23.71 -16.65
CA LYS A 265 -4.10 24.32 -15.82
C LYS A 265 -2.81 23.47 -15.86
N PRO A 266 -2.10 23.49 -17.01
CA PRO A 266 -0.74 22.89 -17.07
C PRO A 266 0.11 23.20 -15.84
N GLY A 267 0.86 22.22 -15.35
CA GLY A 267 1.56 22.40 -14.10
C GLY A 267 0.87 21.77 -12.88
N SER A 268 -0.42 21.43 -13.03
CA SER A 268 -1.20 20.87 -11.89
C SER A 268 -0.69 19.43 -11.70
N TYR A 269 -0.62 18.93 -10.47
CA TYR A 269 -0.09 17.58 -10.30
C TYR A 269 -0.60 17.02 -8.95
N ILE A 270 -0.60 15.66 -8.84
CA ILE A 270 -1.03 14.93 -7.66
C ILE A 270 0.00 13.80 -7.56
N PHE A 271 0.24 13.31 -6.36
CA PHE A 271 1.05 12.09 -6.25
C PHE A 271 0.39 11.12 -5.28
N ARG A 272 0.57 9.84 -5.54
CA ARG A 272 -0.08 8.76 -4.80
C ARG A 272 0.79 7.54 -5.02
N PRO A 273 0.73 6.59 -4.06
CA PRO A 273 1.50 5.37 -4.18
C PRO A 273 1.07 4.57 -5.40
N SER A 274 2.03 4.10 -6.18
CA SER A 274 1.73 3.17 -7.28
C SER A 274 1.01 1.93 -6.75
N CYS A 275 0.03 1.40 -7.48
CA CYS A 275 -0.59 0.15 -7.03
C CYS A 275 0.14 -1.08 -7.62
N THR A 276 0.86 -0.91 -8.71
CA THR A 276 1.53 -2.05 -9.29
C THR A 276 3.03 -2.13 -8.98
N ARG A 277 3.65 -1.05 -8.53
CA ARG A 277 5.06 -1.06 -8.12
C ARG A 277 5.05 -0.55 -6.68
N LEU A 278 4.66 -1.43 -5.75
CA LEU A 278 4.46 -0.98 -4.35
C LEU A 278 5.76 -0.50 -3.74
N GLY A 279 5.69 0.63 -3.05
CA GLY A 279 6.88 1.26 -2.53
C GLY A 279 7.39 2.42 -3.38
N GLN A 280 6.81 2.63 -4.56
CA GLN A 280 7.19 3.71 -5.47
C GLN A 280 6.01 4.63 -5.64
N TRP A 281 6.31 5.88 -5.96
CA TRP A 281 5.26 6.87 -6.14
C TRP A 281 4.87 6.97 -7.58
N ALA A 282 3.62 7.35 -7.82
CA ALA A 282 3.16 7.68 -9.15
C ALA A 282 2.71 9.15 -9.17
N ILE A 283 3.36 9.95 -10.03
CA ILE A 283 3.02 11.40 -10.05
C ILE A 283 2.17 11.64 -11.31
N GLY A 284 0.92 12.13 -11.15
CA GLY A 284 0.12 12.54 -12.33
C GLY A 284 0.20 14.02 -12.48
N TYR A 285 0.28 14.51 -13.72
CA TYR A 285 0.49 15.92 -13.90
C TYR A 285 -0.16 16.35 -15.23
N VAL A 286 -0.53 17.62 -15.32
CA VAL A 286 -1.08 18.14 -16.58
C VAL A 286 0.06 18.76 -17.38
N SER A 287 0.33 18.24 -18.54
CA SER A 287 1.45 18.78 -19.32
C SER A 287 1.03 20.08 -20.04
N SER A 288 2.03 20.72 -20.65
CA SER A 288 1.81 21.97 -21.39
C SER A 288 0.62 22.00 -22.35
N ASP A 289 0.32 20.87 -23.01
CA ASP A 289 -0.85 20.78 -23.93
C ASP A 289 -2.14 20.28 -23.30
N GLY A 290 -2.16 20.14 -21.96
CA GLY A 290 -3.42 19.77 -21.33
C GLY A 290 -3.58 18.29 -21.18
N SER A 291 -2.64 17.51 -21.69
CA SER A 291 -2.78 16.04 -21.50
C SER A 291 -2.35 15.64 -20.02
N ILE A 292 -3.05 14.63 -19.49
CA ILE A 292 -2.78 14.06 -18.16
C ILE A 292 -1.85 12.85 -18.33
N LEU A 293 -0.65 12.96 -17.76
CA LEU A 293 0.38 11.93 -17.83
C LEU A 293 0.67 11.48 -16.40
N GLN A 294 1.18 10.26 -16.27
CA GLN A 294 1.62 9.76 -14.98
C GLN A 294 2.98 9.11 -15.10
N THR A 295 3.87 9.45 -14.17
CA THR A 295 5.25 8.93 -14.24
C THR A 295 5.63 8.33 -12.90
N ILE A 296 6.47 7.29 -12.92
CA ILE A 296 7.04 6.77 -11.69
C ILE A 296 8.47 7.28 -11.63
N PRO A 297 8.80 8.07 -10.62
CA PRO A 297 10.11 8.72 -10.70
C PRO A 297 11.27 7.83 -10.31
N ALA A 298 12.48 8.40 -10.33
CA ALA A 298 13.69 7.68 -9.88
C ALA A 298 13.55 7.27 -8.40
N ASN A 299 14.23 6.19 -8.01
CA ASN A 299 14.26 5.76 -6.59
C ASN A 299 14.99 6.80 -5.70
N LYS A 300 14.31 7.90 -5.40
CA LYS A 300 14.93 8.89 -4.52
C LYS A 300 13.86 9.50 -3.65
N PRO A 301 14.26 10.29 -2.63
CA PRO A 301 13.27 10.90 -1.74
C PRO A 301 12.31 11.67 -2.60
N LEU A 302 11.02 11.53 -2.30
CA LEU A 302 9.97 12.25 -3.04
C LEU A 302 10.18 13.74 -2.92
N SER A 303 10.60 14.20 -1.76
CA SER A 303 10.84 15.61 -1.69
C SER A 303 11.81 16.18 -2.74
N GLN A 304 12.87 15.43 -3.05
CA GLN A 304 13.87 15.86 -4.04
C GLN A 304 13.23 15.88 -5.42
N VAL A 305 12.44 14.85 -5.68
CA VAL A 305 11.77 14.70 -6.98
C VAL A 305 10.78 15.90 -7.18
N LEU A 306 10.04 16.24 -6.10
CA LEU A 306 9.05 17.34 -6.20
C LEU A 306 9.79 18.68 -6.34
N LEU A 307 10.81 18.88 -5.52
CA LEU A 307 11.66 20.11 -5.65
C LEU A 307 12.23 20.31 -7.05
N GLU A 308 12.72 19.23 -7.64
CA GLU A 308 13.25 19.28 -9.03
C GLU A 308 12.19 19.58 -10.07
N GLY A 309 11.03 18.94 -9.91
CA GLY A 309 9.91 19.14 -10.84
C GLY A 309 9.30 20.55 -10.72
N GLN A 310 9.32 21.17 -9.51
CA GLN A 310 8.92 22.55 -9.36
C GLN A 310 9.88 23.50 -10.08
N LYS A 311 11.17 23.29 -9.85
CA LYS A 311 12.25 24.09 -10.45
C LYS A 311 12.24 23.95 -11.98
N ASP A 312 11.87 22.79 -12.48
CA ASP A 312 11.82 22.59 -13.93
C ASP A 312 10.48 23.05 -14.57
N GLY A 313 9.56 23.51 -13.74
CA GLY A 313 8.25 23.99 -14.16
C GLY A 313 7.19 22.94 -14.51
N PHE A 314 7.27 21.73 -13.94
CA PHE A 314 6.32 20.67 -14.25
C PHE A 314 5.30 20.41 -13.12
N TYR A 315 5.77 20.52 -11.88
CA TYR A 315 4.90 20.25 -10.72
C TYR A 315 4.76 21.56 -9.98
N LEU A 316 3.74 22.33 -10.36
CA LEU A 316 3.59 23.70 -9.88
C LEU A 316 2.38 23.91 -9.00
N TYR A 317 1.27 23.26 -9.34
CA TYR A 317 -0.04 23.55 -8.70
C TYR A 317 -0.59 22.24 -8.13
N PRO A 318 -0.35 22.01 -6.83
CA PRO A 318 -0.69 20.68 -6.26
C PRO A 318 -2.22 20.53 -6.19
N ASP A 319 -2.73 19.43 -6.79
CA ASP A 319 -4.18 19.20 -6.97
C ASP A 319 -4.85 20.39 -7.63
N GLY A 320 -4.05 21.14 -8.38
CA GLY A 320 -4.53 22.30 -9.13
C GLY A 320 -4.63 23.58 -8.30
N LYS A 321 -4.19 23.54 -7.05
CA LYS A 321 -4.35 24.64 -6.10
C LYS A 321 -3.22 25.64 -6.33
N THR A 322 -3.47 26.87 -5.91
CA THR A 322 -2.57 27.99 -6.22
C THR A 322 -1.24 27.97 -5.48
N HIS A 323 -1.23 27.40 -4.27
CA HIS A 323 -0.07 27.48 -3.38
C HIS A 323 0.70 26.16 -3.38
N ASN A 324 1.97 26.19 -3.77
CA ASN A 324 2.84 24.99 -3.67
C ASN A 324 3.57 25.07 -2.32
N PRO A 325 3.48 24.01 -1.48
CA PRO A 325 4.17 24.21 -0.19
C PRO A 325 5.69 24.14 -0.35
N ASP A 326 6.43 24.80 0.54
CA ASP A 326 7.89 24.78 0.48
C ASP A 326 8.38 23.53 1.18
N LEU A 327 9.25 22.80 0.49
CA LEU A 327 9.73 21.52 1.01
C LEU A 327 11.23 21.55 1.39
N THR A 328 11.66 22.69 1.96
CA THR A 328 13.07 22.85 2.35
C THR A 328 13.21 23.07 3.87
N ASN B 6 -0.99 -0.34 -16.75
CA ASN B 6 -1.26 1.13 -16.88
C ASN B 6 -0.05 1.87 -17.51
N GLU B 7 -0.32 2.96 -18.21
CA GLU B 7 0.72 3.66 -18.99
C GLU B 7 1.46 4.71 -18.15
N PTR B 8 2.69 4.40 -17.73
CA PTR B 8 3.52 5.36 -17.03
C PTR B 8 4.64 5.81 -17.96
O PTR B 8 5.35 4.99 -18.52
CB PTR B 8 4.16 4.78 -15.77
CG PTR B 8 3.15 4.38 -14.70
CD1 PTR B 8 2.85 3.02 -14.45
CD2 PTR B 8 2.49 5.37 -13.94
CE1 PTR B 8 1.91 2.67 -13.46
CE2 PTR B 8 1.61 5.02 -12.94
CZ PTR B 8 1.30 3.68 -12.69
OH PTR B 8 0.42 3.45 -11.76
P PTR B 8 -0.10 2.02 -11.16
O1P PTR B 8 -0.73 1.21 -12.26
O2P PTR B 8 -1.12 2.25 -10.04
O3P PTR B 8 1.20 1.35 -10.67
N THR B 9 4.84 7.11 -18.09
CA THR B 9 5.78 7.59 -19.08
C THR B 9 7.03 8.12 -18.44
N ALA B 10 8.10 8.32 -19.21
CA ALA B 10 9.37 8.85 -18.69
C ALA B 10 9.25 10.33 -18.24
CA CA C . -1.98 -4.56 7.47
#